data_2FPV
#
_entry.id   2FPV
#
_cell.length_a   90.751
_cell.length_b   90.751
_cell.length_c   122.775
_cell.angle_alpha   90.00
_cell.angle_beta   90.00
_cell.angle_gamma   120.00
#
_symmetry.space_group_name_H-M   'P 32 2 1'
#
loop_
_entity.id
_entity.type
_entity.pdbx_description
1 polymer 'Dihydroorotate dehydrogenase, mitochondrial'
2 non-polymer 'ACETATE ION'
3 non-polymer 'SULFATE ION'
4 non-polymer 'FLAVIN MONONUCLEOTIDE'
5 non-polymer 'OROTIC ACID'
6 non-polymer "3-{[(3-FLUORO-3'-METHOXYBIPHENYL-4-YL)AMINO]CARBONYL}THIOPHENE-2-CARBOXYLIC ACID"
7 water water
#
_entity_poly.entity_id   1
_entity_poly.type   'polypeptide(L)'
_entity_poly.pdbx_seq_one_letter_code
;MGHHHHHHHHHHSSGHIDDDDKHMLEDPMATGDERFYAEHLMPTLQGLLDPESAHRLAVRFTSLGLLPRARFQDSDMLEV
RVLGHKFRNPVGIAAGFDKHGEAVDGLYKMGFGFVEIGSVTPKPQEGNPRPRVFRLPEDQAVINRYGFNSHGLSVVEHRL
RARQQKQAKLTEDGLPLGVNLGKNKTSVDAAEDYAEGVRVLGPLADYLVVNVSSPNTAGLRSLQGKAELRRLLTKVLQER
DGLRRVHRPAVLVKIAPDLTSQDKEDIASVVKELGIDGLIVTNTTVSRPAGLQGALRSETGGLSGKPLRDLSTQTIREMY
ALTQGRVPIIGVGGVSSGQDALEKIRAGASLVQLYTALTFWGPPVVGKVKRELEALLKEQGFGGVTDAIGADHRR
;
_entity_poly.pdbx_strand_id   A
#
loop_
_chem_comp.id
_chem_comp.type
_chem_comp.name
_chem_comp.formula
ACT non-polymer 'ACETATE ION' 'C2 H3 O2 -1'
FMN non-polymer 'FLAVIN MONONUCLEOTIDE' 'C17 H21 N4 O9 P'
ILC non-polymer '3-{[(3-FLUORO-3'-METHOXYBIPHENYL-4-YL)AMINO]CARBONYL}THIOPHENE-2-CARBOXYLIC ACID' 'C19 H14 F N O4 S'
ORO non-polymer 'OROTIC ACID' 'C5 H4 N2 O4'
SO4 non-polymer 'SULFATE ION' 'O4 S -2'
#
# COMPACT_ATOMS: atom_id res chain seq x y z
N GLY A 32 20.41 14.89 -1.02
CA GLY A 32 19.52 15.37 0.09
C GLY A 32 20.04 14.99 1.46
N ASP A 33 19.21 15.19 2.48
CA ASP A 33 19.59 14.88 3.86
C ASP A 33 18.33 14.69 4.72
N GLU A 34 18.31 13.60 5.48
CA GLU A 34 17.16 13.29 6.32
C GLU A 34 16.79 14.46 7.22
N ARG A 35 17.79 15.07 7.84
CA ARG A 35 17.55 16.20 8.74
C ARG A 35 17.08 17.46 7.99
N PHE A 36 17.68 17.71 6.82
CA PHE A 36 17.31 18.89 6.04
C PHE A 36 15.85 18.85 5.58
N TYR A 37 15.42 17.69 5.08
CA TYR A 37 14.06 17.55 4.62
C TYR A 37 13.06 17.61 5.76
N ALA A 38 13.37 16.94 6.86
CA ALA A 38 12.49 16.91 8.02
C ALA A 38 12.34 18.25 8.73
N GLU A 39 13.42 19.02 8.79
CA GLU A 39 13.39 20.31 9.48
C GLU A 39 13.21 21.56 8.62
N HIS A 40 13.63 21.50 7.35
CA HIS A 40 13.50 22.68 6.51
C HIS A 40 12.62 22.57 5.27
N LEU A 41 12.98 21.68 4.36
CA LEU A 41 12.24 21.52 3.12
C LEU A 41 10.76 21.18 3.29
N MET A 42 10.45 20.04 3.92
CA MET A 42 9.06 19.66 4.10
C MET A 42 8.24 20.69 4.87
N PRO A 43 8.77 21.20 5.99
CA PRO A 43 8.03 22.20 6.76
C PRO A 43 7.70 23.43 5.92
N THR A 44 8.66 23.87 5.11
CA THR A 44 8.48 25.04 4.25
C THR A 44 7.41 24.76 3.20
N LEU A 45 7.48 23.57 2.60
CA LEU A 45 6.52 23.17 1.58
C LEU A 45 5.10 23.13 2.14
N GLN A 46 4.94 22.53 3.32
CA GLN A 46 3.63 22.43 3.95
C GLN A 46 3.09 23.79 4.39
N GLY A 47 3.99 24.74 4.60
CA GLY A 47 3.58 26.07 5.01
C GLY A 47 3.15 26.91 3.83
N LEU A 48 3.56 26.51 2.64
CA LEU A 48 3.23 27.25 1.42
C LEU A 48 2.09 26.64 0.61
N LEU A 49 1.91 25.33 0.71
CA LEU A 49 0.86 24.65 -0.05
C LEU A 49 -0.07 23.81 0.80
N ASP A 50 -1.34 23.75 0.38
CA ASP A 50 -2.32 22.94 1.08
C ASP A 50 -1.94 21.49 0.76
N PRO A 51 -2.44 20.54 1.56
CA PRO A 51 -2.16 19.11 1.40
C PRO A 51 -2.28 18.55 -0.02
N GLU A 52 -3.42 18.77 -0.68
CA GLU A 52 -3.59 18.24 -2.02
C GLU A 52 -2.63 18.84 -3.03
N SER A 53 -2.41 20.15 -2.94
CA SER A 53 -1.49 20.81 -3.85
C SER A 53 -0.08 20.28 -3.64
N ALA A 54 0.28 20.06 -2.37
CA ALA A 54 1.59 19.54 -2.03
C ALA A 54 1.75 18.16 -2.64
N HIS A 55 0.69 17.36 -2.57
CA HIS A 55 0.74 16.02 -3.13
C HIS A 55 0.95 16.06 -4.64
N ARG A 56 0.18 16.90 -5.32
CA ARG A 56 0.30 17.03 -6.77
C ARG A 56 1.72 17.39 -7.16
N LEU A 57 2.32 18.32 -6.41
CA LEU A 57 3.69 18.76 -6.69
C LEU A 57 4.64 17.58 -6.46
N ALA A 58 4.37 16.80 -5.42
CA ALA A 58 5.18 15.63 -5.08
C ALA A 58 5.20 14.65 -6.24
N VAL A 59 4.03 14.38 -6.81
CA VAL A 59 3.93 13.45 -7.92
C VAL A 59 4.74 14.01 -9.09
N ARG A 60 4.61 15.31 -9.32
CA ARG A 60 5.33 15.99 -10.40
C ARG A 60 6.84 15.82 -10.26
N PHE A 61 7.38 16.26 -9.13
CA PHE A 61 8.81 16.15 -8.87
C PHE A 61 9.31 14.72 -8.98
N THR A 62 8.53 13.79 -8.46
CA THR A 62 8.93 12.38 -8.50
C THR A 62 8.96 11.87 -9.93
N SER A 63 7.94 12.19 -10.71
CA SER A 63 7.89 11.73 -12.10
C SER A 63 9.06 12.31 -12.89
N LEU A 64 9.56 13.46 -12.47
CA LEU A 64 10.68 14.12 -13.14
C LEU A 64 12.04 13.71 -12.58
N GLY A 65 12.03 12.91 -11.52
CA GLY A 65 13.29 12.46 -10.93
C GLY A 65 13.99 13.50 -10.08
N LEU A 66 13.27 14.57 -9.72
CA LEU A 66 13.85 15.62 -8.89
C LEU A 66 13.83 15.13 -7.46
N LEU A 67 14.74 14.20 -7.15
CA LEU A 67 14.81 13.60 -5.82
C LEU A 67 16.21 13.67 -5.25
N PRO A 68 16.33 13.59 -3.91
CA PRO A 68 17.64 13.65 -3.27
C PRO A 68 18.40 12.36 -3.57
N ARG A 69 19.72 12.41 -3.48
CA ARG A 69 20.54 11.24 -3.78
C ARG A 69 20.15 10.02 -2.93
N ALA A 70 19.84 8.92 -3.61
CA ALA A 70 19.46 7.69 -2.93
C ALA A 70 20.70 6.94 -2.46
N ARG A 71 21.37 7.51 -1.45
CA ARG A 71 22.57 6.95 -0.86
C ARG A 71 22.54 5.45 -0.60
N PHE A 72 21.72 5.04 0.36
CA PHE A 72 21.60 3.64 0.77
C PHE A 72 21.67 2.62 -0.36
N GLN A 73 22.45 1.57 -0.15
CA GLN A 73 22.60 0.49 -1.11
C GLN A 73 21.98 -0.77 -0.52
N ASP A 74 20.93 -1.27 -1.17
CA ASP A 74 20.24 -2.47 -0.70
C ASP A 74 21.19 -3.66 -0.56
N SER A 75 21.23 -4.23 0.64
CA SER A 75 22.07 -5.39 0.90
C SER A 75 21.26 -6.65 0.70
N ASP A 76 21.93 -7.79 0.54
CA ASP A 76 21.25 -9.06 0.35
C ASP A 76 20.32 -9.39 1.51
N MET A 77 20.62 -8.83 2.68
CA MET A 77 19.80 -9.06 3.87
C MET A 77 18.36 -8.60 3.70
N LEU A 78 18.15 -7.58 2.88
CA LEU A 78 16.83 -7.03 2.67
C LEU A 78 16.03 -7.70 1.56
N GLU A 79 16.67 -8.55 0.79
CA GLU A 79 15.98 -9.24 -0.30
C GLU A 79 14.94 -10.22 0.22
N VAL A 80 13.78 -10.24 -0.43
CA VAL A 80 12.69 -11.13 -0.06
C VAL A 80 12.05 -11.76 -1.29
N ARG A 81 11.77 -13.06 -1.21
CA ARG A 81 11.12 -13.75 -2.31
C ARG A 81 9.72 -14.18 -1.88
N VAL A 82 8.71 -13.60 -2.50
CA VAL A 82 7.32 -13.90 -2.18
C VAL A 82 6.42 -13.50 -3.34
N LEU A 83 5.21 -14.04 -3.37
CA LEU A 83 4.25 -13.72 -4.43
C LEU A 83 4.80 -14.05 -5.81
N GLY A 84 5.72 -15.01 -5.87
CA GLY A 84 6.30 -15.42 -7.14
C GLY A 84 7.30 -14.45 -7.70
N HIS A 85 7.82 -13.57 -6.85
CA HIS A 85 8.79 -12.56 -7.29
C HIS A 85 9.87 -12.26 -6.27
N LYS A 86 10.95 -11.66 -6.74
CA LYS A 86 12.05 -11.26 -5.88
C LYS A 86 11.89 -9.78 -5.62
N PHE A 87 12.06 -9.37 -4.36
CA PHE A 87 11.97 -7.96 -3.99
C PHE A 87 13.32 -7.54 -3.44
N ARG A 88 13.96 -6.57 -4.09
CA ARG A 88 15.27 -6.07 -3.68
C ARG A 88 15.30 -5.68 -2.20
N ASN A 89 14.23 -5.02 -1.74
CA ASN A 89 14.10 -4.65 -0.34
C ASN A 89 12.60 -4.75 -0.07
N PRO A 90 12.20 -4.90 1.20
CA PRO A 90 10.79 -5.02 1.58
C PRO A 90 9.98 -3.75 1.81
N VAL A 91 10.52 -2.60 1.44
CA VAL A 91 9.82 -1.34 1.67
C VAL A 91 9.20 -0.77 0.39
N GLY A 92 7.87 -0.75 0.33
CA GLY A 92 7.21 -0.22 -0.84
C GLY A 92 6.38 1.01 -0.58
N ILE A 93 5.95 1.68 -1.65
CA ILE A 93 5.11 2.86 -1.53
C ILE A 93 3.67 2.35 -1.58
N ALA A 94 2.88 2.71 -0.57
CA ALA A 94 1.50 2.26 -0.49
C ALA A 94 0.61 2.92 -1.53
N ALA A 95 -0.52 2.27 -1.81
CA ALA A 95 -1.47 2.79 -2.78
C ALA A 95 -1.93 4.17 -2.33
N GLY A 96 -2.28 5.01 -3.29
CA GLY A 96 -2.76 6.35 -2.95
C GLY A 96 -1.82 7.48 -3.31
N PHE A 97 -0.51 7.22 -3.23
CA PHE A 97 0.44 8.28 -3.57
C PHE A 97 0.46 8.47 -5.09
N ASP A 98 0.56 7.36 -5.82
CA ASP A 98 0.55 7.43 -7.28
C ASP A 98 -0.72 6.71 -7.76
N LYS A 99 -1.84 7.39 -7.63
CA LYS A 99 -3.13 6.84 -8.01
C LYS A 99 -3.28 6.52 -9.49
N HIS A 100 -2.61 7.29 -10.34
CA HIS A 100 -2.76 7.09 -11.79
C HIS A 100 -1.54 6.54 -12.53
N GLY A 101 -0.55 6.05 -11.79
CA GLY A 101 0.64 5.48 -12.39
C GLY A 101 1.50 6.47 -13.15
N GLU A 102 1.68 7.66 -12.59
CA GLU A 102 2.46 8.72 -13.22
C GLU A 102 3.90 8.85 -12.74
N ALA A 103 4.24 8.24 -11.61
CA ALA A 103 5.59 8.38 -11.07
C ALA A 103 6.26 7.09 -10.65
N VAL A 104 5.89 5.99 -11.29
CA VAL A 104 6.45 4.68 -10.97
C VAL A 104 7.98 4.63 -10.98
N ASP A 105 8.59 5.09 -12.06
CA ASP A 105 10.04 5.05 -12.14
C ASP A 105 10.71 5.94 -11.11
N GLY A 106 10.13 7.11 -10.87
CA GLY A 106 10.68 8.01 -9.87
C GLY A 106 10.62 7.40 -8.49
N LEU A 107 9.58 6.61 -8.24
CA LEU A 107 9.43 5.97 -6.94
C LEU A 107 10.50 4.89 -6.73
N TYR A 108 10.87 4.17 -7.79
CA TYR A 108 11.92 3.16 -7.64
C TYR A 108 13.22 3.91 -7.37
N LYS A 109 13.39 5.06 -8.02
CA LYS A 109 14.59 5.86 -7.84
C LYS A 109 14.69 6.34 -6.39
N MET A 110 13.54 6.54 -5.76
CA MET A 110 13.49 6.99 -4.37
C MET A 110 13.99 5.91 -3.41
N GLY A 111 14.04 4.67 -3.89
CA GLY A 111 14.53 3.59 -3.06
C GLY A 111 13.53 2.51 -2.69
N PHE A 112 12.28 2.65 -3.12
CA PHE A 112 11.28 1.65 -2.80
C PHE A 112 11.56 0.32 -3.50
N GLY A 113 11.39 -0.78 -2.77
CA GLY A 113 11.63 -2.11 -3.31
C GLY A 113 10.54 -2.57 -4.26
N PHE A 114 9.37 -1.94 -4.15
CA PHE A 114 8.25 -2.25 -5.02
C PHE A 114 7.29 -1.09 -4.99
N VAL A 115 6.54 -0.92 -6.07
CA VAL A 115 5.59 0.18 -6.19
C VAL A 115 4.19 -0.32 -6.42
N GLU A 116 3.23 0.30 -5.76
CA GLU A 116 1.83 -0.05 -5.94
C GLU A 116 1.08 1.22 -6.36
N ILE A 117 0.44 1.18 -7.52
CA ILE A 117 -0.30 2.34 -7.99
C ILE A 117 -1.79 2.11 -7.74
N GLY A 118 -2.58 3.17 -7.83
CA GLY A 118 -4.01 3.03 -7.61
C GLY A 118 -4.43 3.74 -6.33
N SER A 119 -5.69 3.57 -5.92
CA SER A 119 -6.65 2.72 -6.63
C SER A 119 -7.11 3.29 -7.96
N VAL A 120 -7.35 2.40 -8.92
CA VAL A 120 -7.83 2.78 -10.25
C VAL A 120 -9.26 2.27 -10.42
N THR A 121 -10.15 3.14 -10.88
CA THR A 121 -11.54 2.75 -11.11
C THR A 121 -11.75 2.51 -12.61
N PRO A 122 -12.75 1.71 -12.98
CA PRO A 122 -13.03 1.42 -14.39
C PRO A 122 -13.15 2.67 -15.25
N LYS A 123 -14.12 3.52 -14.90
CA LYS A 123 -14.33 4.76 -15.63
C LYS A 123 -13.70 5.90 -14.83
N PRO A 124 -13.31 6.97 -15.52
CA PRO A 124 -12.70 8.10 -14.80
C PRO A 124 -13.75 8.73 -13.88
N GLN A 125 -13.32 9.24 -12.73
CA GLN A 125 -14.22 9.91 -11.80
C GLN A 125 -13.43 10.93 -11.00
N GLU A 126 -14.10 12.02 -10.64
CA GLU A 126 -13.46 13.12 -9.91
C GLU A 126 -13.17 12.91 -8.44
N GLY A 127 -13.98 12.12 -7.76
CA GLY A 127 -13.78 11.93 -6.34
C GLY A 127 -14.57 13.02 -5.60
N ASN A 128 -14.32 13.18 -4.31
CA ASN A 128 -15.04 14.20 -3.53
C ASN A 128 -14.55 15.63 -3.74
N PRO A 129 -15.39 16.61 -3.37
CA PRO A 129 -15.01 18.02 -3.52
C PRO A 129 -13.89 18.38 -2.54
N ARG A 130 -13.13 19.42 -2.87
CA ARG A 130 -12.01 19.87 -2.03
C ARG A 130 -12.46 20.93 -1.03
N PRO A 131 -11.81 20.99 0.13
CA PRO A 131 -10.69 20.14 0.55
C PRO A 131 -11.11 18.73 0.93
N ARG A 132 -10.25 17.75 0.67
CA ARG A 132 -10.56 16.36 0.96
C ARG A 132 -9.39 15.60 1.57
N VAL A 133 -8.37 16.33 2.01
CA VAL A 133 -7.22 15.73 2.67
C VAL A 133 -6.77 16.75 3.70
N PHE A 134 -6.40 16.27 4.88
CA PHE A 134 -6.02 17.16 5.97
C PHE A 134 -4.84 16.65 6.77
N ARG A 135 -3.98 17.58 7.19
CA ARG A 135 -2.81 17.23 7.98
C ARG A 135 -3.11 17.37 9.47
N LEU A 136 -2.58 16.45 10.26
CA LEU A 136 -2.70 16.47 11.71
C LEU A 136 -1.25 16.40 12.18
N PRO A 137 -0.52 17.52 12.05
CA PRO A 137 0.89 17.66 12.42
C PRO A 137 1.23 17.13 13.82
N GLU A 138 0.44 17.54 14.80
CA GLU A 138 0.66 17.13 16.17
C GLU A 138 0.55 15.63 16.41
N ASP A 139 -0.06 14.92 15.47
CA ASP A 139 -0.25 13.48 15.60
C ASP A 139 0.57 12.70 14.58
N GLN A 140 1.30 13.42 13.72
CA GLN A 140 2.07 12.78 12.66
C GLN A 140 1.11 11.88 11.90
N ALA A 141 -0.07 12.44 11.61
CA ALA A 141 -1.11 11.73 10.90
C ALA A 141 -1.77 12.56 9.81
N VAL A 142 -2.60 11.90 9.02
CA VAL A 142 -3.34 12.53 7.93
C VAL A 142 -4.73 11.92 7.90
N ILE A 143 -5.71 12.71 7.45
CA ILE A 143 -7.07 12.20 7.29
C ILE A 143 -7.42 12.56 5.85
N ASN A 144 -7.91 11.59 5.09
CA ASN A 144 -8.26 11.85 3.70
C ASN A 144 -9.61 11.24 3.33
N ARG A 145 -10.31 11.91 2.42
CA ARG A 145 -11.58 11.45 1.91
C ARG A 145 -11.62 11.77 0.42
N TYR A 146 -10.57 11.38 -0.30
CA TYR A 146 -10.48 11.63 -1.73
C TYR A 146 -11.68 11.06 -2.48
N GLY A 147 -12.10 9.85 -2.11
CA GLY A 147 -13.24 9.23 -2.77
C GLY A 147 -12.92 8.61 -4.11
N PHE A 148 -11.76 7.96 -4.21
CA PHE A 148 -11.36 7.29 -5.45
C PHE A 148 -11.28 8.19 -6.68
N ASN A 149 -10.59 9.32 -6.58
CA ASN A 149 -10.42 10.18 -7.75
C ASN A 149 -9.51 9.34 -8.64
N SER A 150 -9.91 9.10 -9.88
CA SER A 150 -9.12 8.26 -10.77
C SER A 150 -9.21 8.61 -12.26
N HIS A 151 -8.09 8.48 -12.96
CA HIS A 151 -8.06 8.76 -14.39
C HIS A 151 -8.78 7.65 -15.16
N GLY A 152 -9.06 6.54 -14.49
CA GLY A 152 -9.76 5.43 -15.13
C GLY A 152 -8.83 4.38 -15.72
N LEU A 153 -9.36 3.19 -15.93
CA LEU A 153 -8.57 2.08 -16.47
C LEU A 153 -7.87 2.35 -17.80
N SER A 154 -8.59 2.90 -18.77
CA SER A 154 -8.01 3.15 -20.09
C SER A 154 -6.76 4.03 -20.04
N VAL A 155 -6.86 5.16 -19.36
CA VAL A 155 -5.73 6.07 -19.25
C VAL A 155 -4.53 5.41 -18.58
N VAL A 156 -4.78 4.74 -17.46
CA VAL A 156 -3.70 4.07 -16.75
C VAL A 156 -3.11 2.94 -17.59
N GLU A 157 -3.98 2.24 -18.32
CA GLU A 157 -3.54 1.13 -19.18
C GLU A 157 -2.49 1.61 -20.18
N HIS A 158 -2.80 2.67 -20.91
CA HIS A 158 -1.85 3.16 -21.90
C HIS A 158 -0.61 3.74 -21.25
N ARG A 159 -0.76 4.34 -20.08
CA ARG A 159 0.38 4.91 -19.37
C ARG A 159 1.36 3.79 -19.00
N LEU A 160 0.84 2.66 -18.54
CA LEU A 160 1.70 1.53 -18.18
C LEU A 160 2.26 0.83 -19.40
N ARG A 161 1.47 0.75 -20.48
CA ARG A 161 1.95 0.10 -21.69
C ARG A 161 3.17 0.83 -22.28
N ALA A 162 3.22 2.14 -22.09
CA ALA A 162 4.33 2.94 -22.62
C ALA A 162 5.67 2.57 -21.98
N ARG A 163 5.63 1.89 -20.84
CA ARG A 163 6.84 1.47 -20.14
C ARG A 163 6.75 0.01 -19.73
N GLN A 164 5.90 -0.75 -20.42
CA GLN A 164 5.70 -2.16 -20.10
C GLN A 164 6.99 -3.00 -20.12
N GLN A 165 7.81 -2.84 -21.13
CA GLN A 165 9.04 -3.62 -21.21
C GLN A 165 10.07 -3.13 -20.19
N LYS A 166 10.05 -1.83 -19.91
CA LYS A 166 10.97 -1.27 -18.93
C LYS A 166 10.63 -1.89 -17.58
N GLN A 167 9.34 -2.05 -17.32
CA GLN A 167 8.89 -2.64 -16.07
C GLN A 167 9.25 -4.12 -16.01
N ALA A 168 9.16 -4.80 -17.16
CA ALA A 168 9.50 -6.21 -17.23
C ALA A 168 10.93 -6.41 -16.71
N LYS A 169 11.83 -5.54 -17.14
CA LYS A 169 13.21 -5.62 -16.70
C LYS A 169 13.36 -5.26 -15.23
N LEU A 170 12.60 -4.26 -14.79
CA LEU A 170 12.64 -3.84 -13.38
C LEU A 170 12.20 -5.00 -12.50
N THR A 171 11.09 -5.62 -12.87
CA THR A 171 10.56 -6.76 -12.13
C THR A 171 11.59 -7.89 -12.06
N GLU A 172 12.19 -8.21 -13.21
CA GLU A 172 13.19 -9.26 -13.26
C GLU A 172 14.38 -8.90 -12.37
N ASP A 173 14.61 -7.60 -12.19
CA ASP A 173 15.72 -7.12 -11.38
C ASP A 173 15.35 -6.96 -9.91
N GLY A 174 14.16 -7.44 -9.53
CA GLY A 174 13.74 -7.36 -8.13
C GLY A 174 12.93 -6.15 -7.71
N LEU A 175 12.30 -5.47 -8.66
CA LEU A 175 11.49 -4.30 -8.36
C LEU A 175 10.11 -4.44 -9.00
N PRO A 176 9.24 -5.23 -8.35
CA PRO A 176 7.87 -5.51 -8.80
C PRO A 176 6.90 -4.33 -8.78
N LEU A 177 5.84 -4.46 -9.56
CA LEU A 177 4.80 -3.44 -9.66
C LEU A 177 3.45 -4.02 -9.26
N GLY A 178 2.75 -3.32 -8.37
CA GLY A 178 1.44 -3.77 -7.97
C GLY A 178 0.41 -2.77 -8.46
N VAL A 179 -0.80 -3.24 -8.76
CA VAL A 179 -1.87 -2.36 -9.21
C VAL A 179 -3.09 -2.56 -8.33
N ASN A 180 -3.51 -1.47 -7.69
CA ASN A 180 -4.65 -1.48 -6.77
C ASN A 180 -5.94 -1.13 -7.52
N LEU A 181 -6.92 -2.02 -7.47
CA LEU A 181 -8.19 -1.83 -8.17
C LEU A 181 -9.35 -1.36 -7.29
N GLY A 182 -10.08 -0.36 -7.77
CA GLY A 182 -11.22 0.16 -7.05
C GLY A 182 -12.48 0.05 -7.88
N LYS A 183 -13.58 0.61 -7.40
CA LYS A 183 -14.82 0.56 -8.15
C LYS A 183 -15.43 1.95 -8.25
N ASN A 184 -16.21 2.19 -9.29
CA ASN A 184 -16.84 3.49 -9.48
C ASN A 184 -17.96 3.74 -8.49
N LYS A 185 -18.13 5.01 -8.13
CA LYS A 185 -19.16 5.43 -7.19
C LYS A 185 -20.57 5.03 -7.63
N THR A 186 -20.87 5.21 -8.91
CA THR A 186 -22.19 4.89 -9.43
C THR A 186 -22.35 3.49 -10.04
N SER A 187 -21.38 2.62 -9.79
CA SER A 187 -21.43 1.26 -10.33
C SER A 187 -22.59 0.47 -9.71
N VAL A 188 -23.26 -0.34 -10.53
CA VAL A 188 -24.38 -1.16 -10.07
C VAL A 188 -23.96 -2.62 -9.95
N ASP A 189 -22.67 -2.89 -10.18
CA ASP A 189 -22.15 -4.24 -10.10
C ASP A 189 -20.70 -4.16 -9.66
N ALA A 190 -20.48 -4.15 -8.34
CA ALA A 190 -19.13 -4.06 -7.78
C ALA A 190 -18.19 -5.12 -8.33
N ALA A 191 -18.65 -6.37 -8.35
CA ALA A 191 -17.84 -7.48 -8.84
C ALA A 191 -17.37 -7.26 -10.27
N GLU A 192 -18.25 -6.78 -11.14
CA GLU A 192 -17.86 -6.57 -12.53
C GLU A 192 -16.81 -5.45 -12.65
N ASP A 193 -16.91 -4.45 -11.78
CA ASP A 193 -15.93 -3.36 -11.80
C ASP A 193 -14.54 -3.95 -11.55
N TYR A 194 -14.42 -4.81 -10.54
CA TYR A 194 -13.13 -5.42 -10.25
C TYR A 194 -12.71 -6.35 -11.37
N ALA A 195 -13.67 -7.08 -11.95
CA ALA A 195 -13.37 -8.00 -13.03
C ALA A 195 -12.77 -7.23 -14.21
N GLU A 196 -13.34 -6.06 -14.50
CA GLU A 196 -12.84 -5.25 -15.60
C GLU A 196 -11.40 -4.82 -15.31
N GLY A 197 -11.15 -4.44 -14.06
CA GLY A 197 -9.80 -4.04 -13.68
C GLY A 197 -8.80 -5.18 -13.84
N VAL A 198 -9.23 -6.39 -13.53
CA VAL A 198 -8.34 -7.55 -13.66
C VAL A 198 -7.99 -7.74 -15.12
N ARG A 199 -8.99 -7.68 -15.99
CA ARG A 199 -8.77 -7.88 -17.41
C ARG A 199 -7.92 -6.79 -18.07
N VAL A 200 -8.15 -5.54 -17.68
CA VAL A 200 -7.42 -4.41 -18.27
C VAL A 200 -6.01 -4.17 -17.74
N LEU A 201 -5.84 -4.15 -16.42
CA LEU A 201 -4.53 -3.89 -15.84
C LEU A 201 -3.81 -5.15 -15.34
N GLY A 202 -4.55 -6.24 -15.18
CA GLY A 202 -3.93 -7.47 -14.72
C GLY A 202 -2.73 -7.87 -15.58
N PRO A 203 -2.82 -7.75 -16.91
CA PRO A 203 -1.71 -8.12 -17.80
C PRO A 203 -0.46 -7.25 -17.65
N LEU A 204 -0.59 -6.14 -16.93
CA LEU A 204 0.52 -5.21 -16.76
C LEU A 204 1.07 -5.17 -15.33
N ALA A 205 0.52 -6.01 -14.45
CA ALA A 205 0.95 -6.00 -13.06
C ALA A 205 1.52 -7.31 -12.54
N ASP A 206 2.38 -7.20 -11.54
CA ASP A 206 2.97 -8.37 -10.91
C ASP A 206 1.95 -8.88 -9.90
N TYR A 207 1.23 -7.96 -9.29
CA TYR A 207 0.16 -8.33 -8.37
C TYR A 207 -0.95 -7.31 -8.44
N LEU A 208 -2.17 -7.79 -8.20
CA LEU A 208 -3.35 -6.94 -8.21
C LEU A 208 -3.88 -6.88 -6.79
N VAL A 209 -4.53 -5.77 -6.44
CA VAL A 209 -5.10 -5.64 -5.12
C VAL A 209 -6.58 -5.35 -5.21
N VAL A 210 -7.38 -6.19 -4.59
CA VAL A 210 -8.82 -5.97 -4.57
C VAL A 210 -9.02 -5.17 -3.31
N ASN A 211 -9.19 -3.87 -3.50
CA ASN A 211 -9.37 -2.93 -2.39
C ASN A 211 -10.83 -2.82 -2.00
N VAL A 212 -11.21 -3.54 -0.95
CA VAL A 212 -12.57 -3.50 -0.46
C VAL A 212 -12.57 -2.85 0.92
N SER A 213 -11.55 -2.02 1.17
CA SER A 213 -11.44 -1.38 2.49
C SER A 213 -11.35 0.14 2.51
N SER A 214 -11.72 0.80 1.40
CA SER A 214 -11.69 2.25 1.41
C SER A 214 -12.84 2.73 2.29
N PRO A 215 -12.55 3.65 3.22
CA PRO A 215 -13.61 4.14 4.10
C PRO A 215 -14.39 5.29 3.44
N ASN A 216 -13.98 5.65 2.24
CA ASN A 216 -14.60 6.77 1.52
C ASN A 216 -15.48 6.41 0.32
N THR A 217 -15.93 5.16 0.29
CA THR A 217 -16.82 4.69 -0.77
C THR A 217 -17.99 3.97 -0.13
N ALA A 218 -19.17 4.59 -0.20
CA ALA A 218 -20.38 4.03 0.39
C ALA A 218 -20.62 2.57 0.05
N GLY A 219 -20.64 1.73 1.09
CA GLY A 219 -20.89 0.31 0.90
C GLY A 219 -19.72 -0.55 0.45
N LEU A 220 -18.58 0.07 0.17
CA LEU A 220 -17.41 -0.69 -0.29
C LEU A 220 -16.93 -1.71 0.74
N ARG A 221 -16.77 -1.27 1.98
CA ARG A 221 -16.30 -2.16 3.04
C ARG A 221 -17.22 -3.34 3.32
N SER A 222 -18.47 -3.25 2.88
CA SER A 222 -19.42 -4.34 3.09
C SER A 222 -19.04 -5.54 2.23
N LEU A 223 -18.17 -5.30 1.25
CA LEU A 223 -17.70 -6.36 0.36
C LEU A 223 -16.76 -7.28 1.12
N GLN A 224 -16.46 -6.90 2.37
CA GLN A 224 -15.57 -7.69 3.22
C GLN A 224 -16.33 -8.81 3.91
N GLY A 225 -17.65 -8.82 3.75
CA GLY A 225 -18.47 -9.86 4.36
C GLY A 225 -18.21 -11.19 3.67
N LYS A 226 -18.34 -12.29 4.40
CA LYS A 226 -18.08 -13.62 3.85
C LYS A 226 -18.85 -13.98 2.58
N ALA A 227 -20.18 -13.89 2.64
CA ALA A 227 -21.02 -14.23 1.49
C ALA A 227 -20.61 -13.45 0.24
N GLU A 228 -20.64 -12.12 0.34
CA GLU A 228 -20.28 -11.27 -0.79
C GLU A 228 -18.82 -11.42 -1.19
N LEU A 229 -17.94 -11.52 -0.19
CA LEU A 229 -16.51 -11.66 -0.46
C LEU A 229 -16.19 -12.90 -1.28
N ARG A 230 -16.74 -14.03 -0.90
CA ARG A 230 -16.48 -15.28 -1.62
C ARG A 230 -16.91 -15.15 -3.09
N ARG A 231 -18.12 -14.63 -3.30
CA ARG A 231 -18.64 -14.47 -4.65
C ARG A 231 -17.76 -13.50 -5.45
N LEU A 232 -17.41 -12.38 -4.81
CA LEU A 232 -16.58 -11.37 -5.45
C LEU A 232 -15.21 -11.91 -5.84
N LEU A 233 -14.52 -12.52 -4.88
CA LEU A 233 -13.19 -13.05 -5.13
C LEU A 233 -13.18 -14.23 -6.10
N THR A 234 -14.24 -15.02 -6.10
CA THR A 234 -14.32 -16.15 -7.02
C THR A 234 -14.31 -15.61 -8.45
N LYS A 235 -15.07 -14.55 -8.67
CA LYS A 235 -15.15 -13.93 -9.99
C LYS A 235 -13.81 -13.31 -10.38
N VAL A 236 -13.19 -12.61 -9.43
CA VAL A 236 -11.89 -11.99 -9.68
C VAL A 236 -10.82 -13.02 -10.04
N LEU A 237 -10.77 -14.11 -9.28
CA LEU A 237 -9.79 -15.15 -9.53
C LEU A 237 -10.02 -15.85 -10.87
N GLN A 238 -11.28 -16.03 -11.25
CA GLN A 238 -11.56 -16.68 -12.53
C GLN A 238 -11.03 -15.81 -13.65
N GLU A 239 -11.25 -14.50 -13.56
CA GLU A 239 -10.76 -13.59 -14.59
C GLU A 239 -9.24 -13.58 -14.64
N ARG A 240 -8.61 -13.62 -13.48
CA ARG A 240 -7.15 -13.63 -13.38
C ARG A 240 -6.61 -14.90 -14.02
N ASP A 241 -7.22 -16.04 -13.69
CA ASP A 241 -6.78 -17.32 -14.24
C ASP A 241 -6.94 -17.39 -15.75
N GLY A 242 -7.82 -16.56 -16.30
CA GLY A 242 -8.06 -16.55 -17.73
C GLY A 242 -7.03 -15.76 -18.52
N LEU A 243 -6.07 -15.15 -17.84
CA LEU A 243 -5.04 -14.39 -18.52
C LEU A 243 -3.86 -15.28 -18.89
N ARG A 244 -3.18 -14.95 -19.98
CA ARG A 244 -2.02 -15.74 -20.41
C ARG A 244 -0.95 -15.76 -19.33
N ARG A 245 -0.28 -16.90 -19.22
CA ARG A 245 0.77 -17.16 -18.22
C ARG A 245 1.66 -15.99 -17.82
N VAL A 246 2.36 -15.39 -18.78
CA VAL A 246 3.26 -14.29 -18.47
C VAL A 246 2.56 -13.01 -18.04
N HIS A 247 1.24 -12.97 -18.19
CA HIS A 247 0.45 -11.80 -17.83
C HIS A 247 -0.53 -12.10 -16.71
N ARG A 248 -0.25 -13.16 -15.96
CA ARG A 248 -1.12 -13.60 -14.86
C ARG A 248 -0.55 -13.12 -13.53
N PRO A 249 -1.16 -12.08 -12.93
CA PRO A 249 -0.69 -11.53 -11.65
C PRO A 249 -1.21 -12.24 -10.41
N ALA A 250 -0.53 -12.03 -9.30
CA ALA A 250 -0.96 -12.61 -8.03
C ALA A 250 -2.12 -11.69 -7.64
N VAL A 251 -3.03 -12.19 -6.81
CA VAL A 251 -4.17 -11.38 -6.38
C VAL A 251 -4.20 -11.31 -4.86
N LEU A 252 -4.25 -10.09 -4.34
CA LEU A 252 -4.29 -9.88 -2.90
C LEU A 252 -5.52 -9.06 -2.55
N VAL A 253 -5.96 -9.18 -1.30
CA VAL A 253 -7.11 -8.42 -0.83
C VAL A 253 -6.60 -7.46 0.25
N LYS A 254 -6.98 -6.19 0.14
CA LYS A 254 -6.57 -5.18 1.11
C LYS A 254 -7.73 -4.97 2.07
N ILE A 255 -7.46 -5.15 3.36
CA ILE A 255 -8.50 -5.02 4.37
C ILE A 255 -8.33 -3.83 5.30
N ALA A 256 -9.43 -3.46 5.93
CA ALA A 256 -9.47 -2.35 6.87
C ALA A 256 -8.97 -2.78 8.24
N PRO A 257 -8.60 -1.80 9.08
CA PRO A 257 -8.11 -2.05 10.43
C PRO A 257 -9.28 -2.03 11.42
N ASP A 258 -10.48 -1.82 10.90
CA ASP A 258 -11.68 -1.70 11.72
C ASP A 258 -12.63 -2.90 11.67
N LEU A 259 -12.12 -4.05 11.26
CA LEU A 259 -12.93 -5.25 11.16
C LEU A 259 -13.21 -5.89 12.52
N THR A 260 -14.37 -6.52 12.64
CA THR A 260 -14.71 -7.20 13.88
C THR A 260 -13.94 -8.52 13.86
N SER A 261 -13.90 -9.23 14.99
CA SER A 261 -13.20 -10.50 15.04
C SER A 261 -13.88 -11.47 14.08
N GLN A 262 -15.20 -11.37 13.96
CA GLN A 262 -15.94 -12.24 13.06
C GLN A 262 -15.54 -11.97 11.62
N ASP A 263 -15.44 -10.70 11.26
CA ASP A 263 -15.05 -10.32 9.90
C ASP A 263 -13.70 -10.94 9.54
N LYS A 264 -12.74 -10.82 10.46
CA LYS A 264 -11.41 -11.35 10.23
C LYS A 264 -11.42 -12.87 10.07
N GLU A 265 -12.19 -13.56 10.91
CA GLU A 265 -12.29 -15.01 10.82
C GLU A 265 -12.83 -15.39 9.44
N ASP A 266 -13.87 -14.69 9.00
CA ASP A 266 -14.48 -14.96 7.70
C ASP A 266 -13.53 -14.71 6.54
N ILE A 267 -12.80 -13.60 6.59
CA ILE A 267 -11.85 -13.28 5.53
C ILE A 267 -10.77 -14.35 5.44
N ALA A 268 -10.26 -14.77 6.59
CA ALA A 268 -9.23 -15.80 6.63
C ALA A 268 -9.76 -17.09 6.01
N SER A 269 -10.99 -17.43 6.36
CA SER A 269 -11.63 -18.63 5.84
C SER A 269 -11.75 -18.59 4.32
N VAL A 270 -12.27 -17.50 3.78
CA VAL A 270 -12.43 -17.36 2.33
C VAL A 270 -11.09 -17.35 1.61
N VAL A 271 -10.11 -16.66 2.18
CA VAL A 271 -8.78 -16.60 1.57
C VAL A 271 -8.22 -18.01 1.41
N LYS A 272 -8.40 -18.82 2.44
CA LYS A 272 -7.93 -20.21 2.43
C LYS A 272 -8.71 -21.04 1.43
N GLU A 273 -10.03 -20.89 1.44
CA GLU A 273 -10.92 -21.62 0.54
C GLU A 273 -10.63 -21.38 -0.93
N LEU A 274 -10.41 -20.13 -1.30
CA LEU A 274 -10.17 -19.77 -2.70
C LEU A 274 -8.71 -19.73 -3.14
N GLY A 275 -7.80 -19.76 -2.18
CA GLY A 275 -6.39 -19.72 -2.53
C GLY A 275 -5.90 -18.32 -2.88
N ILE A 276 -6.50 -17.31 -2.25
CA ILE A 276 -6.08 -15.93 -2.48
C ILE A 276 -4.58 -15.89 -2.20
N ASP A 277 -3.83 -15.20 -3.06
CA ASP A 277 -2.39 -15.13 -2.94
C ASP A 277 -1.80 -14.36 -1.76
N GLY A 278 -2.52 -13.36 -1.27
CA GLY A 278 -1.99 -12.59 -0.16
C GLY A 278 -2.95 -11.56 0.37
N LEU A 279 -2.54 -10.86 1.43
CA LEU A 279 -3.35 -9.83 2.04
C LEU A 279 -2.54 -8.56 2.27
N ILE A 280 -3.21 -7.41 2.17
CA ILE A 280 -2.55 -6.14 2.45
C ILE A 280 -3.29 -5.65 3.68
N VAL A 281 -2.54 -5.45 4.76
CA VAL A 281 -3.08 -5.08 6.07
C VAL A 281 -2.25 -3.91 6.61
N THR A 282 -2.82 -2.72 6.78
CA THR A 282 -4.22 -2.39 6.52
C THR A 282 -4.40 -1.08 5.76
N ASN A 283 -5.66 -0.75 5.49
CA ASN A 283 -6.03 0.51 4.85
C ASN A 283 -6.13 1.50 6.01
N THR A 284 -6.66 2.69 5.76
CA THR A 284 -6.82 3.70 6.82
C THR A 284 -7.97 3.34 7.77
N THR A 285 -8.01 3.99 8.93
CA THR A 285 -9.05 3.71 9.92
C THR A 285 -10.11 4.81 10.05
N VAL A 286 -11.35 4.41 10.27
CA VAL A 286 -12.43 5.37 10.46
C VAL A 286 -12.57 5.64 11.96
N SER A 287 -11.72 5.00 12.75
CA SER A 287 -11.75 5.21 14.19
C SER A 287 -10.95 6.47 14.46
N ARG A 288 -11.13 7.03 15.65
CA ARG A 288 -10.37 8.22 16.05
C ARG A 288 -9.88 7.90 17.45
N PRO A 289 -8.69 7.29 17.54
CA PRO A 289 -8.08 6.91 18.81
C PRO A 289 -8.07 8.05 19.81
N ALA A 290 -8.26 7.72 21.08
CA ALA A 290 -8.24 8.74 22.11
C ALA A 290 -6.82 9.30 22.06
N GLY A 291 -6.69 10.61 22.24
CA GLY A 291 -5.36 11.20 22.22
C GLY A 291 -5.01 12.06 21.02
N LEU A 292 -5.80 11.99 19.95
CA LEU A 292 -5.51 12.82 18.77
C LEU A 292 -5.57 14.27 19.20
N GLN A 293 -4.58 15.06 18.74
CA GLN A 293 -4.49 16.48 19.09
C GLN A 293 -4.79 17.44 17.94
N GLY A 294 -4.60 16.96 16.71
CA GLY A 294 -4.84 17.80 15.56
C GLY A 294 -6.19 18.51 15.59
N ALA A 295 -6.21 19.77 15.19
CA ALA A 295 -7.45 20.53 15.18
C ALA A 295 -8.46 19.89 14.22
N LEU A 296 -7.95 19.19 13.21
CA LEU A 296 -8.81 18.58 12.20
C LEU A 296 -9.12 17.10 12.45
N ARG A 297 -8.95 16.65 13.70
CA ARG A 297 -9.18 15.24 14.06
C ARG A 297 -10.59 14.72 13.78
N SER A 298 -11.59 15.61 13.78
CA SER A 298 -12.95 15.17 13.56
C SER A 298 -13.46 15.30 12.12
N GLU A 299 -12.55 15.50 11.19
CA GLU A 299 -12.91 15.56 9.78
C GLU A 299 -13.27 14.14 9.35
N THR A 300 -14.22 14.00 8.44
CA THR A 300 -14.63 12.69 7.95
C THR A 300 -13.53 12.14 7.04
N GLY A 301 -13.25 10.84 7.15
CA GLY A 301 -12.25 10.23 6.30
C GLY A 301 -11.44 9.15 6.97
N GLY A 302 -10.45 8.63 6.24
CA GLY A 302 -9.59 7.60 6.78
C GLY A 302 -8.36 8.21 7.42
N LEU A 303 -8.04 7.76 8.63
CA LEU A 303 -6.89 8.24 9.37
C LEU A 303 -5.68 7.35 9.10
N SER A 304 -4.53 7.99 8.85
CA SER A 304 -3.29 7.27 8.56
C SER A 304 -2.17 7.82 9.44
N GLY A 305 -1.00 7.20 9.38
CA GLY A 305 0.10 7.70 10.18
C GLY A 305 0.30 7.01 11.51
N LYS A 306 1.04 7.67 12.39
CA LYS A 306 1.36 7.08 13.70
C LYS A 306 0.18 6.54 14.51
N PRO A 307 -0.95 7.26 14.55
CA PRO A 307 -2.11 6.78 15.33
C PRO A 307 -2.67 5.44 14.85
N LEU A 308 -2.39 5.11 13.59
CA LEU A 308 -2.86 3.86 13.00
C LEU A 308 -1.85 2.71 13.16
N ARG A 309 -0.58 3.06 13.34
CA ARG A 309 0.48 2.05 13.41
C ARG A 309 0.21 0.75 14.14
N ASP A 310 -0.01 0.82 15.46
CA ASP A 310 -0.21 -0.40 16.21
C ASP A 310 -1.52 -1.13 15.96
N LEU A 311 -2.56 -0.40 15.57
CA LEU A 311 -3.83 -1.06 15.24
C LEU A 311 -3.56 -1.94 14.02
N SER A 312 -2.77 -1.41 13.08
CA SER A 312 -2.42 -2.16 11.88
C SER A 312 -1.53 -3.35 12.20
N THR A 313 -0.54 -3.13 13.05
CA THR A 313 0.37 -4.22 13.43
C THR A 313 -0.40 -5.36 14.08
N GLN A 314 -1.36 -5.04 14.96
CA GLN A 314 -2.14 -6.06 15.62
C GLN A 314 -3.05 -6.80 14.63
N THR A 315 -3.50 -6.10 13.58
CA THR A 315 -4.35 -6.73 12.58
C THR A 315 -3.52 -7.73 11.77
N ILE A 316 -2.27 -7.35 11.49
CA ILE A 316 -1.35 -8.23 10.76
C ILE A 316 -1.12 -9.48 11.60
N ARG A 317 -0.90 -9.27 12.88
CA ARG A 317 -0.66 -10.37 13.81
C ARG A 317 -1.81 -11.36 13.81
N GLU A 318 -3.03 -10.85 13.88
CA GLU A 318 -4.20 -11.72 13.89
C GLU A 318 -4.40 -12.46 12.57
N MET A 319 -4.25 -11.76 11.44
CA MET A 319 -4.44 -12.40 10.15
C MET A 319 -3.37 -13.47 9.89
N TYR A 320 -2.16 -13.23 10.38
CA TYR A 320 -1.07 -14.20 10.20
C TYR A 320 -1.45 -15.49 10.94
N ALA A 321 -1.93 -15.34 12.17
CA ALA A 321 -2.32 -16.49 12.97
C ALA A 321 -3.52 -17.23 12.36
N LEU A 322 -4.53 -16.47 11.96
CA LEU A 322 -5.73 -17.07 11.35
C LEU A 322 -5.42 -17.84 10.07
N THR A 323 -4.39 -17.40 9.33
CA THR A 323 -4.02 -18.07 8.08
C THR A 323 -2.83 -19.02 8.26
N GLN A 324 -2.49 -19.29 9.52
CA GLN A 324 -1.39 -20.18 9.87
C GLN A 324 -0.07 -19.82 9.22
N GLY A 325 0.12 -18.53 8.94
CA GLY A 325 1.34 -18.05 8.34
C GLY A 325 1.61 -18.56 6.93
N ARG A 326 0.58 -19.09 6.28
CA ARG A 326 0.70 -19.62 4.93
C ARG A 326 0.27 -18.63 3.85
N VAL A 327 -0.17 -17.45 4.27
CA VAL A 327 -0.62 -16.44 3.32
C VAL A 327 0.22 -15.16 3.46
N PRO A 328 0.99 -14.81 2.43
CA PRO A 328 1.83 -13.61 2.44
C PRO A 328 1.04 -12.37 2.81
N ILE A 329 1.61 -11.56 3.70
CA ILE A 329 0.96 -10.33 4.14
C ILE A 329 1.87 -9.13 3.88
N ILE A 330 1.28 -8.08 3.32
CA ILE A 330 2.02 -6.84 3.10
C ILE A 330 1.50 -5.94 4.22
N GLY A 331 2.38 -5.58 5.14
CA GLY A 331 2.00 -4.75 6.27
C GLY A 331 2.07 -3.25 6.00
N VAL A 332 0.98 -2.56 6.28
CA VAL A 332 0.91 -1.12 6.01
C VAL A 332 0.18 -0.39 7.13
N GLY A 333 0.66 0.80 7.47
CA GLY A 333 0.01 1.58 8.50
C GLY A 333 0.97 2.13 9.54
N GLY A 334 1.28 3.43 9.43
CA GLY A 334 2.16 4.07 10.39
C GLY A 334 3.62 3.65 10.40
N VAL A 335 4.14 3.18 9.28
CA VAL A 335 5.55 2.80 9.22
C VAL A 335 6.39 4.04 8.92
N SER A 336 7.26 4.41 9.85
CA SER A 336 8.10 5.58 9.66
C SER A 336 9.55 5.34 10.07
N SER A 337 9.85 4.15 10.58
CA SER A 337 11.19 3.81 11.01
C SER A 337 11.49 2.34 10.83
N GLY A 338 12.75 1.97 11.02
CA GLY A 338 13.12 0.57 10.90
C GLY A 338 12.39 -0.24 11.95
N GLN A 339 12.22 0.31 13.15
CA GLN A 339 11.51 -0.42 14.19
C GLN A 339 10.07 -0.69 13.77
N ASP A 340 9.42 0.32 13.22
CA ASP A 340 8.03 0.15 12.79
C ASP A 340 7.96 -0.99 11.76
N ALA A 341 8.90 -0.99 10.82
CA ALA A 341 8.92 -2.02 9.79
C ALA A 341 9.13 -3.41 10.39
N LEU A 342 10.15 -3.55 11.24
CA LEU A 342 10.45 -4.83 11.84
C LEU A 342 9.32 -5.34 12.74
N GLU A 343 8.62 -4.45 13.43
CA GLU A 343 7.52 -4.92 14.27
C GLU A 343 6.45 -5.57 13.41
N LYS A 344 6.19 -5.00 12.24
CA LYS A 344 5.18 -5.58 11.36
C LYS A 344 5.69 -6.89 10.74
N ILE A 345 6.97 -6.94 10.41
CA ILE A 345 7.55 -8.14 9.85
C ILE A 345 7.49 -9.26 10.90
N ARG A 346 7.91 -8.96 12.13
CA ARG A 346 7.89 -9.96 13.20
C ARG A 346 6.45 -10.39 13.49
N ALA A 347 5.49 -9.51 13.25
CA ALA A 347 4.08 -9.81 13.48
C ALA A 347 3.53 -10.70 12.37
N GLY A 348 4.25 -10.81 11.26
CA GLY A 348 3.79 -11.66 10.17
C GLY A 348 3.89 -11.11 8.76
N ALA A 349 4.31 -9.87 8.61
CA ALA A 349 4.42 -9.28 7.26
C ALA A 349 5.69 -9.70 6.53
N SER A 350 5.55 -10.03 5.24
CA SER A 350 6.69 -10.43 4.42
C SER A 350 7.26 -9.17 3.77
N LEU A 351 6.40 -8.17 3.62
CA LEU A 351 6.74 -6.89 3.02
C LEU A 351 5.96 -5.80 3.75
N VAL A 352 6.42 -4.56 3.65
CA VAL A 352 5.72 -3.44 4.28
C VAL A 352 5.63 -2.29 3.28
N GLN A 353 4.73 -1.35 3.53
CA GLN A 353 4.56 -0.18 2.68
C GLN A 353 4.37 1.01 3.60
N LEU A 354 4.57 2.20 3.05
CA LEU A 354 4.39 3.44 3.79
C LEU A 354 3.93 4.52 2.83
N TYR A 355 3.25 5.52 3.37
CA TYR A 355 2.78 6.66 2.58
C TYR A 355 2.88 7.90 3.46
N THR A 356 2.09 7.94 4.53
CA THR A 356 2.07 9.10 5.40
C THR A 356 3.43 9.59 5.89
N ALA A 357 4.35 8.66 6.19
CA ALA A 357 5.67 9.07 6.66
C ALA A 357 6.37 9.93 5.60
N LEU A 358 6.15 9.58 4.34
CA LEU A 358 6.75 10.32 3.22
C LEU A 358 6.23 11.77 3.19
N THR A 359 4.96 11.95 3.54
CA THR A 359 4.35 13.27 3.53
C THR A 359 4.91 14.18 4.60
N PHE A 360 5.49 13.60 5.65
CA PHE A 360 6.07 14.40 6.72
C PHE A 360 7.58 14.56 6.62
N TRP A 361 8.28 13.47 6.33
CA TRP A 361 9.73 13.49 6.28
C TRP A 361 10.38 13.59 4.91
N GLY A 362 9.59 13.37 3.85
CA GLY A 362 10.15 13.45 2.51
C GLY A 362 10.89 12.19 2.09
N PRO A 363 11.40 12.16 0.85
CA PRO A 363 12.15 11.03 0.27
C PRO A 363 13.21 10.36 1.13
N PRO A 364 13.96 11.14 1.93
CA PRO A 364 15.00 10.52 2.78
C PRO A 364 14.49 9.45 3.75
N VAL A 365 13.20 9.46 4.04
CA VAL A 365 12.65 8.49 4.97
C VAL A 365 12.76 7.05 4.46
N VAL A 366 12.78 6.87 3.14
CA VAL A 366 12.88 5.52 2.59
C VAL A 366 14.23 4.90 2.94
N GLY A 367 15.31 5.66 2.74
CA GLY A 367 16.62 5.14 3.06
C GLY A 367 16.78 4.95 4.55
N LYS A 368 16.18 5.85 5.34
CA LYS A 368 16.26 5.76 6.79
C LYS A 368 15.66 4.45 7.27
N VAL A 369 14.44 4.16 6.82
CA VAL A 369 13.75 2.94 7.21
C VAL A 369 14.57 1.71 6.86
N LYS A 370 15.10 1.66 5.64
CA LYS A 370 15.90 0.51 5.23
C LYS A 370 17.18 0.36 6.04
N ARG A 371 17.86 1.47 6.30
CA ARG A 371 19.10 1.44 7.08
C ARG A 371 18.83 0.96 8.49
N GLU A 372 17.78 1.50 9.12
CA GLU A 372 17.44 1.12 10.48
C GLU A 372 16.98 -0.33 10.55
N LEU A 373 16.23 -0.77 9.54
CA LEU A 373 15.74 -2.15 9.50
C LEU A 373 16.92 -3.11 9.43
N GLU A 374 17.87 -2.82 8.55
CA GLU A 374 19.04 -3.68 8.40
C GLU A 374 19.78 -3.79 9.73
N ALA A 375 20.01 -2.67 10.39
CA ALA A 375 20.72 -2.65 11.66
C ALA A 375 20.00 -3.47 12.74
N LEU A 376 18.68 -3.33 12.81
CA LEU A 376 17.90 -4.06 13.80
C LEU A 376 17.91 -5.55 13.54
N LEU A 377 17.85 -5.95 12.28
CA LEU A 377 17.87 -7.37 11.93
C LEU A 377 19.16 -7.99 12.45
N LYS A 378 20.28 -7.29 12.24
CA LYS A 378 21.58 -7.77 12.69
C LYS A 378 21.61 -7.83 14.21
N GLU A 379 21.14 -6.75 14.84
CA GLU A 379 21.12 -6.64 16.29
C GLU A 379 20.29 -7.73 16.95
N GLN A 380 19.23 -8.17 16.26
CA GLN A 380 18.36 -9.20 16.82
C GLN A 380 18.69 -10.62 16.34
N GLY A 381 19.85 -10.77 15.71
CA GLY A 381 20.29 -12.08 15.25
C GLY A 381 19.61 -12.70 14.03
N PHE A 382 18.96 -11.88 13.22
CA PHE A 382 18.30 -12.39 12.02
C PHE A 382 19.25 -12.36 10.82
N GLY A 383 19.32 -13.47 10.10
CA GLY A 383 20.18 -13.55 8.94
C GLY A 383 19.70 -12.62 7.84
N GLY A 384 18.41 -12.30 7.89
CA GLY A 384 17.81 -11.42 6.91
C GLY A 384 16.33 -11.25 7.16
N VAL A 385 15.67 -10.45 6.34
CA VAL A 385 14.24 -10.19 6.49
C VAL A 385 13.42 -11.47 6.55
N THR A 386 13.71 -12.41 5.65
CA THR A 386 12.98 -13.67 5.59
C THR A 386 12.93 -14.41 6.93
N ASP A 387 14.06 -14.41 7.63
CA ASP A 387 14.15 -15.08 8.92
C ASP A 387 13.30 -14.43 10.00
N ALA A 388 13.02 -13.15 9.85
CA ALA A 388 12.23 -12.40 10.82
C ALA A 388 10.72 -12.46 10.61
N ILE A 389 10.28 -12.84 9.42
CA ILE A 389 8.85 -12.91 9.14
C ILE A 389 8.11 -13.82 10.11
N GLY A 390 7.19 -13.23 10.88
CA GLY A 390 6.40 -13.98 11.84
C GLY A 390 7.16 -14.45 13.07
N ALA A 391 8.36 -13.92 13.30
CA ALA A 391 9.17 -14.32 14.44
C ALA A 391 8.48 -14.26 15.80
N ASP A 392 7.60 -13.28 16.00
CA ASP A 392 6.90 -13.15 17.28
C ASP A 392 6.03 -14.36 17.61
N HIS A 393 5.48 -14.99 16.58
CA HIS A 393 4.60 -16.14 16.76
C HIS A 393 5.36 -17.40 17.17
N ARG A 394 6.68 -17.40 16.99
CA ARG A 394 7.49 -18.57 17.33
C ARG A 394 8.22 -18.48 18.66
N ARG A 395 7.99 -17.41 19.41
CA ARG A 395 8.65 -17.23 20.70
C ARG A 395 7.82 -17.74 21.87
C ACT B . 1.47 -4.60 19.27
O ACT B . 1.72 -4.92 20.47
OXT ACT B . 1.60 -5.35 18.28
CH3 ACT B . 0.96 -3.17 19.08
C ACT C . 5.77 -7.37 -14.78
O ACT C . 4.60 -6.89 -14.61
OXT ACT C . 6.11 -8.56 -14.54
CH3 ACT C . 6.80 -6.41 -15.32
S SO4 D . 2.61 -13.23 -24.33
O1 SO4 D . 3.78 -13.99 -23.87
O2 SO4 D . 1.42 -13.63 -23.56
O3 SO4 D . 2.85 -11.78 -24.12
O4 SO4 D . 2.38 -13.48 -25.76
S SO4 E . -0.61 -22.17 -18.55
O1 SO4 E . -0.19 -21.94 -17.15
O2 SO4 E . -1.84 -21.39 -18.82
O3 SO4 E . 0.45 -21.74 -19.47
O4 SO4 E . -0.90 -23.60 -18.75
S SO4 F . 0.52 10.99 -19.89
O1 SO4 F . 1.02 11.92 -18.86
O2 SO4 F . -0.94 11.11 -20.00
O3 SO4 F . 1.15 11.31 -21.19
O4 SO4 F . 0.88 9.61 -19.51
S SO4 G . -9.14 -9.88 16.63
O1 SO4 G . -8.96 -9.80 18.09
O2 SO4 G . -10.31 -9.07 16.24
O3 SO4 G . -7.94 -9.38 15.94
O4 SO4 G . -9.38 -11.29 16.25
N1 FMN H . -5.25 2.89 -0.16
C2 FMN H . -5.76 2.22 -1.22
O2 FMN H . -5.90 1.01 -1.26
N3 FMN H . -6.18 2.98 -2.37
C4 FMN H . -6.09 4.34 -2.46
O4 FMN H . -6.47 4.93 -3.50
C4A FMN H . -5.53 5.07 -1.32
N5 FMN H . -5.41 6.39 -1.33
C5A FMN H . -4.87 7.04 -0.23
C6 FMN H . -4.69 8.47 -0.20
C7 FMN H . -4.14 9.16 0.86
C7M FMN H . -3.97 10.69 0.85
C8 FMN H . -3.70 8.41 2.03
C8M FMN H . -3.07 9.07 3.23
C9 FMN H . -3.86 7.03 2.02
C9A FMN H . -4.42 6.30 0.94
N10 FMN H . -4.59 4.89 0.92
C10 FMN H . -5.12 4.22 -0.16
C1' FMN H . -4.16 4.10 2.10
C2' FMN H . -2.68 3.73 2.13
O2' FMN H . -2.35 2.88 1.01
C3' FMN H . -2.33 2.97 3.42
O3' FMN H . -3.08 1.72 3.48
C4' FMN H . -2.61 3.74 4.72
O4' FMN H . -2.49 5.16 4.51
C5' FMN H . -1.71 3.35 5.86
O5' FMN H . -0.34 3.66 5.59
P FMN H . 0.43 4.96 6.11
O1P FMN H . -0.09 6.10 5.25
O2P FMN H . 1.88 4.68 5.86
O3P FMN H . 0.05 5.11 7.59
N1 ORO I . -8.60 6.78 0.89
C2 ORO I . -8.04 5.82 1.74
O2 ORO I . -7.54 6.11 2.82
N3 ORO I . -8.10 4.50 1.30
C4 ORO I . -8.65 4.06 0.10
O4 ORO I . -8.64 2.88 -0.19
C5 ORO I . -9.22 5.11 -0.74
C6 ORO I . -9.16 6.39 -0.31
C7 ORO I . -9.74 7.56 -1.12
O71 ORO I . -10.39 8.44 -0.57
O72 ORO I . -9.45 7.44 -2.35
C1 ILC J . 10.91 15.14 -3.84
C1 ILC J . 11.10 15.05 -3.69
C2 ILC J . 10.81 16.17 -2.77
C2 ILC J . 10.96 16.02 -2.59
C8 ILC J . 9.53 16.19 -1.96
C8 ILC J . 9.67 16.01 -1.83
C9 ILC J . 8.44 15.23 -2.23
C9 ILC J . 8.58 15.08 -2.17
C10 ILC J . 7.18 15.20 -1.50
C10 ILC J . 7.29 15.01 -1.50
C11 ILC J . 8.63 14.24 -3.32
C11 ILC J . 8.80 14.13 -3.30
C12 ILC J . 9.84 14.21 -4.11
C12 ILC J . 10.05 14.12 -4.03
C13 ILC J . 6.43 16.46 -1.20
C13 ILC J . 6.53 16.27 -1.16
C14 ILC J . 5.16 16.43 -0.53
C14 ILC J . 5.24 16.21 -0.53
C16 ILC J . 4.57 15.12 -0.12
C16 ILC J . 4.62 14.89 -0.22
C20 ILC J . 6.57 13.91 -1.08
C20 ILC J . 6.65 13.71 -1.17
C21 ILC J . 2.13 14.43 0.03
C21 ILC J . 2.77 15.88 1.19
C22 ILC J . 0.86 14.43 0.70
C22 ILC J . 1.47 15.80 1.80
C24 ILC J . -0.13 13.45 0.34
C24 ILC J . 1.13 16.69 2.87
C27 ILC J . 0.41 15.31 1.74
C27 ILC J . 0.40 14.90 1.46
O3 ILC J . 11.77 17.13 -2.43
O3 ILC J . 11.91 16.96 -2.16
C4 ILC J . 12.30 17.88 -3.56
C4 ILC J . 12.47 17.78 -3.24
N17 ILC J . 3.32 15.10 0.52
N17 ILC J . 3.36 14.84 0.37
C18 ILC J . 5.29 13.88 -0.40
C18 ILC J . 5.35 13.65 -0.54
F19 ILC J . 4.80 12.70 -0.05
F19 ILC J . 4.84 12.47 -0.28
O23 ILC J . 2.22 13.82 -1.08
O23 ILC J . 3.46 16.94 1.39
C25 ILC J . -1.32 13.52 1.04
C25 ILC J . -0.15 16.54 3.40
S26 ILC J . -1.15 14.82 2.12
S26 ILC J . -0.86 15.28 2.51
C28 ILC J . 1.00 16.42 2.41
C28 ILC J . 0.25 13.86 0.50
O29 ILC J . 2.02 17.02 2.02
O29 ILC J . 1.20 13.33 -0.11
O30 ILC J . 0.44 16.86 3.55
O30 ILC J . -0.99 13.41 0.23
#